data_5D6L
#
_entry.id   5D6L
#
_cell.length_a   107.260
_cell.length_b   170.360
_cell.length_c   40.270
_cell.angle_alpha   90.00
_cell.angle_beta   105.67
_cell.angle_gamma   90.00
#
_symmetry.space_group_name_H-M   'C 1 2 1'
#
loop_
_entity.id
_entity.type
_entity.pdbx_description
1 polymer 'Beta-2 adrenergic receptor,Endolysin,Beta-2 adrenergic receptor'
2 branched alpha-D-glucopyranose-(1-4)-beta-D-glucopyranose
3 non-polymer 'SULFATE ION'
4 non-polymer (2S)-1-(9H-Carbazol-4-yloxy)-3-(isopropylamino)propan-2-ol
5 non-polymer 1,4-BUTANEDIOL
6 non-polymer ACETAMIDE
7 non-polymer CHOLESTEROL
8 non-polymer 'PALMITIC ACID'
9 non-polymer 'DODECAETHYLENE GLYCOL'
#
_entity_poly.entity_id   1
_entity_poly.type   'polypeptide(L)'
_entity_poly.pdbx_seq_one_letter_code
;DYKDDDAMGQPGNGSAFLLAPNRSHAPDHDVTQQRDEVWVVGMGIVMSLIVLAIVFGNVLVITAIAKFERLQTVTNYFIT
SLACADLVMGLAVVPFGAAHILMKMWTFGNFWCEFWTSIDVLCVTASIETLCVIAVDRYFAITSPFKYQSLLTKNKARVI
ILMVWIVSGLTSFLPIQMHWYRATHQEAINCYAEETCCDFFTNQAYAIASSIVSFYVPLVIMVFVYSRVFQEAKRQLNIF
EMLRIDEGLRLKIYKDTEGYYTIGIGHLLTKSPSLNAAKSELDKAIGRNTNGVITKDEAEKLFNQDVDAAVRGILRNAKL
KPVYDSLDAVRRAALINMVFQMGETGVAGFTNSLRMLQQKRWDEAAVNLAKSRWYNQTPNRAKRVITTFRTGTWDAYKFC
LKEHKALKTLGIIMGTFTLCWLPFFIVNIVHVIQDNLIRKEVYILLNWIGYVNSGFNPLIYCRSPDFRIAFQELLCLRRS
SLKAYGNGYSSNGNTGEQSG
;
_entity_poly.pdbx_strand_id   A
#
loop_
_chem_comp.id
_chem_comp.type
_chem_comp.name
_chem_comp.formula
12P non-polymer 'DODECAETHYLENE GLYCOL' 'C24 H50 O13'
ACM non-polymer ACETAMIDE 'C2 H5 N O'
BGC D-saccharide, beta linking beta-D-glucopyranose 'C6 H12 O6'
BU1 non-polymer 1,4-BUTANEDIOL 'C4 H10 O2'
CAU non-polymer (2S)-1-(9H-Carbazol-4-yloxy)-3-(isopropylamino)propan-2-ol 'C18 H22 N2 O2'
CLR non-polymer CHOLESTEROL 'C27 H46 O'
GLC D-saccharide, alpha linking alpha-D-glucopyranose 'C6 H12 O6'
PLM non-polymer 'PALMITIC ACID' 'C16 H32 O2'
SO4 non-polymer 'SULFATE ION' 'O4 S -2'
#
# COMPACT_ATOMS: atom_id res chain seq x y z
N ASP A 36 -38.21 20.51 -5.12
CA ASP A 36 -37.62 21.02 -6.36
C ASP A 36 -36.46 21.96 -6.06
N GLU A 37 -36.75 23.04 -5.34
CA GLU A 37 -35.75 24.05 -5.01
C GLU A 37 -35.07 23.78 -3.68
N VAL A 38 -35.83 23.22 -2.73
CA VAL A 38 -35.28 22.83 -1.43
C VAL A 38 -34.23 21.74 -1.62
N TRP A 39 -34.41 20.93 -2.66
CA TRP A 39 -33.45 19.91 -3.05
C TRP A 39 -32.07 20.52 -3.34
N VAL A 40 -32.06 21.72 -3.92
CA VAL A 40 -30.81 22.41 -4.26
C VAL A 40 -29.98 22.72 -3.03
N VAL A 41 -30.62 23.29 -2.01
CA VAL A 41 -29.94 23.60 -0.76
C VAL A 41 -29.35 22.33 -0.14
N GLY A 42 -30.17 21.29 -0.06
CA GLY A 42 -29.73 20.01 0.46
C GLY A 42 -28.61 19.39 -0.36
N MET A 43 -28.66 19.59 -1.67
CA MET A 43 -27.62 19.09 -2.56
C MET A 43 -26.38 19.99 -2.45
N GLY A 44 -26.62 21.27 -2.17
CA GLY A 44 -25.53 22.22 -2.00
C GLY A 44 -24.74 21.97 -0.74
N ILE A 45 -25.44 21.70 0.37
CA ILE A 45 -24.79 21.38 1.64
C ILE A 45 -23.94 20.13 1.50
N VAL A 46 -24.45 19.13 0.78
CA VAL A 46 -23.73 17.89 0.55
C VAL A 46 -22.42 18.14 -0.21
N MET A 47 -22.53 18.86 -1.32
CA MET A 47 -21.36 19.20 -2.13
C MET A 47 -20.39 20.09 -1.36
N SER A 48 -20.93 20.92 -0.47
CA SER A 48 -20.10 21.77 0.39
C SER A 48 -19.29 20.93 1.36
N LEU A 49 -19.91 19.88 1.90
CA LEU A 49 -19.23 18.95 2.79
C LEU A 49 -18.18 18.16 2.04
N ILE A 50 -18.46 17.85 0.78
CA ILE A 50 -17.50 17.17 -0.09
C ILE A 50 -16.24 18.02 -0.24
N VAL A 51 -16.43 19.30 -0.55
CA VAL A 51 -15.33 20.24 -0.67
C VAL A 51 -14.54 20.34 0.64
N LEU A 52 -15.26 20.49 1.74
CA LEU A 52 -14.64 20.58 3.07
C LEU A 52 -13.83 19.33 3.39
N ALA A 53 -14.40 18.16 3.05
CA ALA A 53 -13.74 16.88 3.30
C ALA A 53 -12.43 16.75 2.53
N ILE A 54 -12.46 17.14 1.26
CA ILE A 54 -11.28 17.08 0.41
C ILE A 54 -10.18 18.00 0.92
N VAL A 55 -10.53 19.25 1.19
CA VAL A 55 -9.57 20.26 1.64
C VAL A 55 -9.01 19.93 3.02
N PHE A 56 -9.89 19.56 3.96
CA PHE A 56 -9.47 19.25 5.32
C PHE A 56 -8.47 18.10 5.36
N GLY A 57 -8.86 16.96 4.80
CA GLY A 57 -8.04 15.77 4.81
C GLY A 57 -6.69 15.93 4.16
N ASN A 58 -6.67 16.57 2.99
CA ASN A 58 -5.42 16.74 2.25
C ASN A 58 -4.52 17.80 2.87
N VAL A 59 -5.11 18.80 3.52
CA VAL A 59 -4.33 19.76 4.29
C VAL A 59 -3.66 19.02 5.46
N LEU A 60 -4.40 18.10 6.06
CA LEU A 60 -3.91 17.31 7.18
C LEU A 60 -2.73 16.42 6.77
N VAL A 61 -2.82 15.86 5.57
CA VAL A 61 -1.76 15.00 5.04
C VAL A 61 -0.49 15.80 4.76
N ILE A 62 -0.64 16.91 4.06
CA ILE A 62 0.48 17.80 3.77
C ILE A 62 1.17 18.28 5.04
N THR A 63 0.37 18.72 6.00
CA THR A 63 0.88 19.20 7.28
C THR A 63 1.68 18.12 8.00
N ALA A 64 1.12 16.91 8.07
CA ALA A 64 1.75 15.81 8.80
C ALA A 64 3.11 15.44 8.24
N ILE A 65 3.23 15.38 6.92
CA ILE A 65 4.48 15.03 6.27
C ILE A 65 5.49 16.18 6.38
N ALA A 66 5.00 17.41 6.24
CA ALA A 66 5.86 18.59 6.31
C ALA A 66 6.35 18.85 7.73
N LYS A 67 5.57 18.43 8.72
CA LYS A 67 5.89 18.71 10.11
C LYS A 67 6.72 17.61 10.77
N PHE A 68 6.35 16.36 10.54
CA PHE A 68 7.00 15.25 11.24
C PHE A 68 8.12 14.62 10.42
N GLU A 69 9.34 14.77 10.94
CA GLU A 69 10.57 14.27 10.34
C GLU A 69 10.51 12.76 10.07
N ARG A 70 9.80 12.06 10.94
CA ARG A 70 9.57 10.63 10.81
C ARG A 70 8.90 10.28 9.47
N LEU A 71 7.99 11.15 9.04
CA LEU A 71 7.20 10.91 7.84
C LEU A 71 7.85 11.46 6.58
N GLN A 72 9.03 12.07 6.71
CA GLN A 72 9.68 12.68 5.56
C GLN A 72 10.51 11.67 4.76
N THR A 73 9.80 10.82 4.02
CA THR A 73 10.41 9.81 3.17
C THR A 73 10.11 10.10 1.71
N VAL A 74 10.87 9.49 0.81
CA VAL A 74 10.69 9.69 -0.63
C VAL A 74 9.26 9.41 -1.07
N THR A 75 8.70 8.30 -0.58
CA THR A 75 7.32 7.93 -0.87
C THR A 75 6.34 9.05 -0.46
N ASN A 76 6.54 9.58 0.74
CA ASN A 76 5.66 10.62 1.26
C ASN A 76 5.81 11.96 0.54
N TYR A 77 6.90 12.12 -0.20
CA TYR A 77 7.07 13.30 -1.05
C TYR A 77 6.13 13.21 -2.24
N PHE A 78 6.01 12.00 -2.78
CA PHE A 78 5.06 11.72 -3.85
C PHE A 78 3.62 11.85 -3.33
N ILE A 79 3.40 11.35 -2.11
CA ILE A 79 2.11 11.47 -1.46
C ILE A 79 1.71 12.93 -1.31
N THR A 80 2.68 13.77 -0.96
CA THR A 80 2.46 15.20 -0.84
C THR A 80 2.05 15.79 -2.18
N SER A 81 2.75 15.39 -3.25
CA SER A 81 2.42 15.81 -4.60
C SER A 81 1.02 15.35 -4.96
N LEU A 82 0.68 14.15 -4.54
CA LEU A 82 -0.64 13.58 -4.76
C LEU A 82 -1.70 14.35 -3.97
N ALA A 83 -1.35 14.74 -2.76
CA ALA A 83 -2.25 15.49 -1.88
C ALA A 83 -2.48 16.91 -2.39
N CYS A 84 -1.48 17.46 -3.10
CA CYS A 84 -1.60 18.83 -3.63
C CYS A 84 -2.56 18.86 -4.80
N ALA A 85 -2.48 17.83 -5.63
CA ALA A 85 -3.37 17.73 -6.78
C ALA A 85 -4.82 17.61 -6.32
N ASP A 86 -5.04 16.86 -5.25
CA ASP A 86 -6.37 16.69 -4.68
C ASP A 86 -6.83 17.96 -3.96
N LEU A 87 -5.88 18.67 -3.36
CA LEU A 87 -6.20 19.91 -2.66
C LEU A 87 -6.65 20.99 -3.65
N VAL A 88 -5.97 21.05 -4.79
CA VAL A 88 -6.33 22.01 -5.84
C VAL A 88 -7.69 21.63 -6.43
N MET A 89 -7.96 20.33 -6.53
CA MET A 89 -9.25 19.83 -6.94
C MET A 89 -10.36 20.35 -6.02
N GLY A 90 -10.12 20.27 -4.72
CA GLY A 90 -11.11 20.68 -3.73
C GLY A 90 -11.30 22.18 -3.64
N LEU A 91 -10.29 22.94 -4.06
CA LEU A 91 -10.36 24.41 -3.98
C LEU A 91 -10.74 25.04 -5.32
N ALA A 92 -10.13 24.56 -6.40
CA ALA A 92 -10.26 25.21 -7.70
C ALA A 92 -11.25 24.54 -8.64
N VAL A 93 -11.41 23.22 -8.51
CA VAL A 93 -12.23 22.47 -9.46
C VAL A 93 -13.64 22.17 -8.93
N VAL A 94 -13.72 21.37 -7.87
CA VAL A 94 -15.00 20.92 -7.32
C VAL A 94 -15.99 22.05 -6.94
N PRO A 95 -15.53 23.14 -6.29
CA PRO A 95 -16.50 24.18 -5.92
C PRO A 95 -17.27 24.78 -7.10
N PHE A 96 -16.58 25.00 -8.22
CA PHE A 96 -17.20 25.61 -9.38
C PHE A 96 -18.01 24.61 -10.20
N GLY A 97 -17.58 23.35 -10.21
CA GLY A 97 -18.34 22.30 -10.86
C GLY A 97 -19.66 22.10 -10.14
N ALA A 98 -19.62 22.24 -8.82
CA ALA A 98 -20.82 22.13 -7.99
C ALA A 98 -21.79 23.26 -8.29
N ALA A 99 -21.27 24.48 -8.31
CA ALA A 99 -22.07 25.66 -8.61
C ALA A 99 -22.66 25.59 -10.01
N HIS A 100 -21.86 25.07 -10.95
CA HIS A 100 -22.29 24.92 -12.34
C HIS A 100 -23.53 24.03 -12.44
N ILE A 101 -23.58 23.01 -11.60
CA ILE A 101 -24.71 22.07 -11.60
C ILE A 101 -25.93 22.66 -10.89
N LEU A 102 -25.71 23.24 -9.73
CA LEU A 102 -26.79 23.79 -8.92
C LEU A 102 -27.46 25.00 -9.58
N MET A 103 -26.67 25.80 -10.28
CA MET A 103 -27.20 26.97 -10.97
C MET A 103 -27.68 26.63 -12.38
N LYS A 104 -27.31 25.44 -12.84
CA LYS A 104 -27.68 24.95 -14.16
C LYS A 104 -27.18 25.85 -15.30
N MET A 105 -26.11 26.58 -15.01
CA MET A 105 -25.43 27.43 -15.99
C MET A 105 -24.12 27.96 -15.42
N TRP A 106 -23.26 28.46 -16.29
CA TRP A 106 -21.95 28.98 -15.89
C TRP A 106 -22.02 30.49 -15.65
N THR A 107 -21.50 30.95 -14.52
CA THR A 107 -21.59 32.36 -14.16
C THR A 107 -20.23 33.05 -14.11
N PHE A 108 -19.16 32.28 -14.27
CA PHE A 108 -17.82 32.77 -14.00
C PHE A 108 -17.06 33.22 -15.24
N GLY A 109 -17.73 33.18 -16.39
CA GLY A 109 -17.17 33.70 -17.62
C GLY A 109 -16.32 32.70 -18.41
N ASN A 110 -16.05 33.03 -19.67
CA ASN A 110 -15.33 32.14 -20.57
C ASN A 110 -13.87 31.94 -20.20
N PHE A 111 -13.21 32.98 -19.72
CA PHE A 111 -11.80 32.86 -19.34
C PHE A 111 -11.61 31.81 -18.26
N TRP A 112 -12.36 31.95 -17.17
CA TRP A 112 -12.21 31.02 -16.06
C TRP A 112 -12.70 29.64 -16.44
N CYS A 113 -13.71 29.56 -17.31
CA CYS A 113 -14.24 28.26 -17.78
C CYS A 113 -13.15 27.47 -18.43
N GLU A 114 -12.35 28.15 -19.25
CA GLU A 114 -11.22 27.56 -19.93
C GLU A 114 -10.10 27.24 -18.95
N PHE A 115 -9.89 28.11 -17.98
CA PHE A 115 -8.87 27.92 -16.96
C PHE A 115 -9.26 26.78 -16.03
N TRP A 116 -10.50 26.83 -15.53
CA TRP A 116 -11.05 25.80 -14.66
C TRP A 116 -10.96 24.42 -15.29
N THR A 117 -11.26 24.35 -16.58
CA THR A 117 -11.17 23.10 -17.33
C THR A 117 -9.74 22.58 -17.37
N SER A 118 -8.79 23.48 -17.54
CA SER A 118 -7.38 23.12 -17.59
C SER A 118 -6.88 22.54 -16.27
N ILE A 119 -7.27 23.18 -15.17
CA ILE A 119 -6.90 22.72 -13.83
C ILE A 119 -7.45 21.32 -13.58
N ASP A 120 -8.71 21.12 -13.96
CA ASP A 120 -9.41 19.85 -13.82
C ASP A 120 -8.60 18.72 -14.45
N VAL A 121 -8.28 18.87 -15.73
CA VAL A 121 -7.50 17.87 -16.45
C VAL A 121 -6.09 17.72 -15.89
N LEU A 122 -5.48 18.84 -15.49
CA LEU A 122 -4.14 18.85 -14.92
C LEU A 122 -4.03 18.00 -13.66
N CYS A 123 -4.93 18.24 -12.71
CA CYS A 123 -4.91 17.55 -11.41
C CYS A 123 -5.14 16.07 -11.55
N VAL A 124 -6.03 15.68 -12.46
CA VAL A 124 -6.31 14.27 -12.70
C VAL A 124 -5.11 13.60 -13.35
N THR A 125 -4.48 14.31 -14.30
CA THR A 125 -3.30 13.79 -14.98
C THR A 125 -2.11 13.65 -14.04
N ALA A 126 -1.87 14.68 -13.23
CA ALA A 126 -0.76 14.67 -12.28
C ALA A 126 -0.93 13.58 -11.23
N SER A 127 -2.17 13.29 -10.87
CA SER A 127 -2.46 12.29 -9.86
C SER A 127 -2.06 10.88 -10.32
N ILE A 128 -2.49 10.50 -11.51
CA ILE A 128 -2.20 9.16 -12.03
C ILE A 128 -0.73 9.04 -12.43
N GLU A 129 -0.14 10.15 -12.87
CA GLU A 129 1.30 10.15 -13.19
C GLU A 129 2.12 9.95 -11.93
N THR A 130 1.69 10.58 -10.84
CA THR A 130 2.36 10.44 -9.55
C THR A 130 2.22 9.02 -9.02
N LEU A 131 0.99 8.50 -9.06
CA LEU A 131 0.73 7.12 -8.66
C LEU A 131 1.61 6.15 -9.43
N CYS A 132 1.83 6.46 -10.70
CA CYS A 132 2.65 5.61 -11.58
C CYS A 132 4.11 5.69 -11.18
N VAL A 133 4.53 6.87 -10.71
CA VAL A 133 5.90 7.07 -10.24
C VAL A 133 6.13 6.32 -8.94
N ILE A 134 5.12 6.33 -8.07
CA ILE A 134 5.17 5.59 -6.82
C ILE A 134 5.37 4.10 -7.07
N ALA A 135 4.65 3.58 -8.06
CA ALA A 135 4.73 2.17 -8.42
C ALA A 135 6.12 1.78 -8.91
N VAL A 136 6.69 2.62 -9.78
CA VAL A 136 8.03 2.37 -10.31
C VAL A 136 9.08 2.53 -9.20
N ASP A 137 8.88 3.54 -8.36
CA ASP A 137 9.77 3.78 -7.22
C ASP A 137 9.77 2.58 -6.27
N ARG A 138 8.58 2.08 -5.98
CA ARG A 138 8.43 0.96 -5.05
C ARG A 138 8.98 -0.33 -5.63
N TYR A 139 8.93 -0.47 -6.95
CA TYR A 139 9.48 -1.67 -7.58
C TYR A 139 10.98 -1.73 -7.42
N PHE A 140 11.67 -0.63 -7.72
CA PHE A 140 13.13 -0.59 -7.60
C PHE A 140 13.56 -0.61 -6.13
N ALA A 141 12.70 -0.11 -5.26
CA ALA A 141 13.00 -0.13 -3.83
C ALA A 141 12.98 -1.56 -3.29
N ILE A 142 12.00 -2.34 -3.72
CA ILE A 142 11.80 -3.69 -3.21
C ILE A 142 12.70 -4.72 -3.90
N THR A 143 13.29 -4.34 -5.03
CA THR A 143 14.19 -5.23 -5.75
C THR A 143 15.66 -4.87 -5.54
N SER A 144 15.90 -3.71 -4.92
CA SER A 144 17.26 -3.28 -4.61
C SER A 144 17.87 -4.14 -3.52
N PRO A 145 19.20 -4.34 -3.56
CA PRO A 145 19.88 -5.01 -2.45
C PRO A 145 19.79 -4.15 -1.20
N PHE A 146 19.59 -2.86 -1.45
CA PHE A 146 19.27 -1.88 -0.42
C PHE A 146 17.76 -1.78 -0.30
N LYS A 147 17.15 -2.89 0.10
CA LYS A 147 15.71 -3.09 0.04
C LYS A 147 14.89 -2.00 0.72
N TYR A 148 13.83 -1.59 0.01
CA TYR A 148 12.85 -0.60 0.46
C TYR A 148 13.37 0.84 0.50
N GLN A 149 14.69 1.02 0.53
CA GLN A 149 15.25 2.34 0.28
C GLN A 149 14.99 2.69 -1.18
N SER A 150 14.41 3.88 -1.41
CA SER A 150 14.27 4.36 -2.78
C SER A 150 15.65 4.63 -3.35
N LEU A 151 15.83 4.34 -4.63
CA LEU A 151 17.09 4.61 -5.30
C LEU A 151 17.29 6.11 -5.46
N LEU A 152 16.23 6.87 -5.19
CA LEU A 152 16.26 8.32 -5.30
C LEU A 152 16.58 9.00 -3.98
N THR A 153 17.30 10.12 -4.06
CA THR A 153 17.49 10.99 -2.91
C THR A 153 16.29 11.90 -2.78
N LYS A 154 16.23 12.68 -1.69
CA LYS A 154 15.14 13.62 -1.47
C LYS A 154 15.09 14.66 -2.59
N ASN A 155 16.27 15.12 -3.02
CA ASN A 155 16.37 16.14 -4.06
C ASN A 155 15.99 15.62 -5.46
N LYS A 156 16.42 14.40 -5.77
CA LYS A 156 16.03 13.78 -7.03
C LYS A 156 14.51 13.63 -7.10
N ALA A 157 13.91 13.28 -5.96
CA ALA A 157 12.48 13.08 -5.87
C ALA A 157 11.71 14.36 -6.20
N ARG A 158 12.17 15.50 -5.70
CA ARG A 158 11.55 16.79 -5.99
C ARG A 158 11.61 17.11 -7.49
N VAL A 159 12.73 16.75 -8.11
CA VAL A 159 12.91 16.98 -9.54
C VAL A 159 11.93 16.11 -10.34
N ILE A 160 11.79 14.85 -9.94
CA ILE A 160 10.82 13.96 -10.56
C ILE A 160 9.41 14.52 -10.40
N ILE A 161 9.08 14.96 -9.19
CA ILE A 161 7.79 15.57 -8.90
C ILE A 161 7.55 16.81 -9.76
N LEU A 162 8.54 17.69 -9.80
CA LEU A 162 8.44 18.90 -10.60
C LEU A 162 8.26 18.57 -12.08
N MET A 163 8.97 17.55 -12.55
CA MET A 163 8.86 17.11 -13.94
C MET A 163 7.49 16.50 -14.23
N VAL A 164 6.88 15.88 -13.22
CA VAL A 164 5.54 15.33 -13.35
C VAL A 164 4.53 16.44 -13.60
N TRP A 165 4.62 17.51 -12.82
CA TRP A 165 3.70 18.63 -12.95
C TRP A 165 3.93 19.44 -14.21
N ILE A 166 5.17 19.47 -14.69
CA ILE A 166 5.48 20.14 -15.95
C ILE A 166 4.89 19.34 -17.12
N VAL A 167 5.13 18.03 -17.12
CA VAL A 167 4.59 17.16 -18.16
C VAL A 167 3.07 17.14 -18.15
N SER A 168 2.50 17.06 -16.95
CA SER A 168 1.04 17.08 -16.81
C SER A 168 0.46 18.39 -17.33
N GLY A 169 1.11 19.51 -17.02
CA GLY A 169 0.69 20.81 -17.51
C GLY A 169 0.88 20.92 -19.01
N LEU A 170 1.96 20.31 -19.51
CA LEU A 170 2.27 20.31 -20.93
C LEU A 170 1.22 19.53 -21.71
N THR A 171 0.62 18.53 -21.07
CA THR A 171 -0.36 17.67 -21.71
C THR A 171 -1.80 18.08 -21.38
N SER A 172 -1.96 18.98 -20.43
CA SER A 172 -3.29 19.45 -20.03
C SER A 172 -3.56 20.87 -20.49
N PHE A 173 -2.71 21.79 -20.09
CA PHE A 173 -2.92 23.21 -20.39
C PHE A 173 -2.71 23.51 -21.87
N LEU A 174 -1.66 22.97 -22.47
CA LEU A 174 -1.38 23.24 -23.89
C LEU A 174 -2.58 22.98 -24.81
N PRO A 175 -3.14 21.75 -24.80
CA PRO A 175 -4.23 21.51 -25.76
C PRO A 175 -5.48 22.35 -25.50
N ILE A 176 -5.75 22.66 -24.23
CA ILE A 176 -6.94 23.42 -23.87
C ILE A 176 -6.75 24.91 -24.14
N GLN A 177 -5.57 25.43 -23.84
CA GLN A 177 -5.28 26.85 -24.08
C GLN A 177 -5.01 27.11 -25.57
N MET A 178 -4.51 26.11 -26.28
CA MET A 178 -4.28 26.24 -27.72
C MET A 178 -5.51 25.86 -28.52
N HIS A 179 -6.57 25.46 -27.82
CA HIS A 179 -7.86 25.11 -28.40
C HIS A 179 -7.79 23.90 -29.35
N TRP A 180 -6.93 22.95 -29.04
CA TRP A 180 -6.82 21.72 -29.83
C TRP A 180 -7.98 20.77 -29.54
N TYR A 181 -8.57 20.92 -28.35
CA TYR A 181 -9.60 20.01 -27.88
C TYR A 181 -10.94 20.21 -28.59
N ARG A 182 -11.20 21.43 -29.06
CA ARG A 182 -12.54 21.83 -29.45
C ARG A 182 -13.10 21.10 -30.68
N ALA A 183 -14.41 20.90 -30.66
CA ALA A 183 -15.13 20.29 -31.78
C ALA A 183 -15.51 21.35 -32.80
N THR A 184 -15.94 20.93 -33.98
CA THR A 184 -16.22 21.85 -35.07
C THR A 184 -17.70 21.90 -35.47
N HIS A 185 -18.57 21.28 -34.66
CA HIS A 185 -20.00 21.33 -34.95
C HIS A 185 -20.64 22.53 -34.24
N GLN A 186 -21.78 22.96 -34.77
CA GLN A 186 -22.41 24.22 -34.35
C GLN A 186 -22.80 24.26 -32.88
N GLU A 187 -23.35 23.16 -32.37
CA GLU A 187 -23.79 23.09 -30.98
C GLU A 187 -22.64 23.39 -30.02
N ALA A 188 -21.45 22.94 -30.38
CA ALA A 188 -20.25 23.22 -29.61
C ALA A 188 -19.82 24.67 -29.79
N ILE A 189 -19.79 25.12 -31.05
CA ILE A 189 -19.40 26.47 -31.39
C ILE A 189 -20.24 27.50 -30.64
N ASN A 190 -21.54 27.23 -30.53
CA ASN A 190 -22.42 28.09 -29.74
C ASN A 190 -21.98 28.14 -28.28
N CYS A 191 -21.70 26.96 -27.72
CA CYS A 191 -21.31 26.84 -26.30
C CYS A 191 -20.00 27.53 -26.01
N TYR A 192 -19.07 27.47 -26.96
CA TYR A 192 -17.78 28.13 -26.82
C TYR A 192 -17.97 29.63 -26.73
N ALA A 193 -18.79 30.17 -27.63
CA ALA A 193 -18.97 31.60 -27.76
C ALA A 193 -19.80 32.19 -26.62
N GLU A 194 -20.87 31.50 -26.24
CA GLU A 194 -21.72 32.00 -25.16
C GLU A 194 -21.05 31.84 -23.80
N GLU A 195 -21.08 32.92 -23.03
CA GLU A 195 -20.31 33.04 -21.80
C GLU A 195 -20.84 32.16 -20.65
N THR A 196 -22.11 31.80 -20.72
CA THR A 196 -22.76 31.09 -19.63
C THR A 196 -22.79 29.59 -19.88
N CYS A 197 -22.13 29.14 -20.93
CA CYS A 197 -22.06 27.70 -21.25
C CYS A 197 -20.64 27.23 -21.07
N CYS A 198 -20.47 26.19 -20.26
CA CYS A 198 -19.14 25.62 -20.01
C CYS A 198 -19.19 24.12 -20.11
N ASP A 199 -19.59 23.63 -21.28
CA ASP A 199 -19.59 22.20 -21.55
C ASP A 199 -18.32 21.82 -22.28
N PHE A 200 -17.73 20.69 -21.90
CA PHE A 200 -16.45 20.28 -22.46
C PHE A 200 -16.64 19.45 -23.73
N PHE A 201 -17.18 20.10 -24.77
CA PHE A 201 -17.27 19.48 -26.09
C PHE A 201 -15.88 19.32 -26.68
N THR A 202 -15.53 18.10 -27.07
CA THR A 202 -14.23 17.85 -27.67
C THR A 202 -14.34 17.13 -29.01
N ASN A 203 -13.32 17.29 -29.86
CA ASN A 203 -13.23 16.49 -31.07
C ASN A 203 -12.74 15.09 -30.70
N GLN A 204 -13.04 14.12 -31.55
CA GLN A 204 -12.76 12.72 -31.25
C GLN A 204 -11.27 12.42 -31.13
N ALA A 205 -10.46 13.06 -31.97
CA ALA A 205 -9.02 12.87 -31.95
C ALA A 205 -8.43 13.25 -30.59
N TYR A 206 -8.90 14.36 -30.04
CA TYR A 206 -8.49 14.78 -28.71
C TYR A 206 -9.00 13.80 -27.66
N ALA A 207 -10.27 13.43 -27.78
CA ALA A 207 -10.90 12.52 -26.82
C ALA A 207 -10.13 11.21 -26.69
N ILE A 208 -9.65 10.68 -27.81
CA ILE A 208 -8.84 9.46 -27.81
C ILE A 208 -7.43 9.74 -27.29
N ALA A 209 -6.72 10.64 -27.97
CA ALA A 209 -5.32 10.90 -27.68
C ALA A 209 -5.08 11.37 -26.25
N SER A 210 -5.87 12.34 -25.79
CA SER A 210 -5.69 12.90 -24.46
C SER A 210 -5.96 11.86 -23.38
N SER A 211 -7.03 11.09 -23.53
CA SER A 211 -7.41 10.10 -22.53
C SER A 211 -6.43 8.93 -22.48
N ILE A 212 -5.80 8.61 -23.61
CA ILE A 212 -4.80 7.55 -23.65
C ILE A 212 -3.49 8.01 -23.00
N VAL A 213 -3.03 9.19 -23.39
CA VAL A 213 -1.76 9.73 -22.91
C VAL A 213 -1.83 10.15 -21.44
N SER A 214 -2.94 10.79 -21.06
CA SER A 214 -3.08 11.30 -19.69
C SER A 214 -3.46 10.22 -18.69
N PHE A 215 -4.28 9.26 -19.12
CA PHE A 215 -4.84 8.30 -18.18
C PHE A 215 -4.41 6.85 -18.42
N TYR A 216 -4.71 6.32 -19.60
CA TYR A 216 -4.52 4.89 -19.86
C TYR A 216 -3.07 4.43 -19.86
N VAL A 217 -2.17 5.26 -20.39
CA VAL A 217 -0.75 4.90 -20.41
C VAL A 217 -0.17 4.80 -18.99
N PRO A 218 -0.33 5.83 -18.14
CA PRO A 218 0.23 5.62 -16.80
C PRO A 218 -0.58 4.64 -15.95
N LEU A 219 -1.84 4.38 -16.33
CA LEU A 219 -2.66 3.41 -15.62
C LEU A 219 -2.17 1.98 -15.84
N VAL A 220 -1.95 1.64 -17.11
CA VAL A 220 -1.50 0.30 -17.48
C VAL A 220 -0.12 0.01 -16.89
N ILE A 221 0.77 0.99 -16.94
CA ILE A 221 2.10 0.85 -16.36
C ILE A 221 2.01 0.66 -14.85
N MET A 222 1.19 1.49 -14.20
CA MET A 222 1.00 1.41 -12.75
C MET A 222 0.53 0.03 -12.31
N VAL A 223 -0.51 -0.48 -12.97
CA VAL A 223 -1.08 -1.78 -12.64
C VAL A 223 -0.07 -2.91 -12.86
N PHE A 224 0.59 -2.89 -14.00
CA PHE A 224 1.58 -3.92 -14.32
C PHE A 224 2.74 -3.92 -13.35
N VAL A 225 3.33 -2.74 -13.13
CA VAL A 225 4.50 -2.62 -12.27
C VAL A 225 4.20 -2.97 -10.82
N TYR A 226 3.08 -2.48 -10.30
CA TYR A 226 2.77 -2.69 -8.89
C TYR A 226 2.23 -4.10 -8.64
N SER A 227 1.85 -4.80 -9.69
CA SER A 227 1.52 -6.22 -9.55
C SER A 227 2.82 -7.01 -9.39
N ARG A 228 3.88 -6.49 -9.99
CA ARG A 228 5.21 -7.08 -9.85
C ARG A 228 5.80 -6.78 -8.47
N VAL A 229 5.35 -5.69 -7.87
CA VAL A 229 5.75 -5.33 -6.52
C VAL A 229 5.20 -6.32 -5.52
N PHE A 230 3.92 -6.68 -5.69
CA PHE A 230 3.28 -7.67 -4.83
C PHE A 230 3.91 -9.04 -4.98
N GLN A 231 4.25 -9.42 -6.21
CA GLN A 231 4.94 -10.68 -6.47
C GLN A 231 6.27 -10.73 -5.73
N GLU A 232 7.02 -9.64 -5.79
CA GLU A 232 8.30 -9.54 -5.09
C GLU A 232 8.11 -9.58 -3.58
N ALA A 233 7.11 -8.85 -3.10
CA ALA A 233 6.81 -8.82 -1.67
C ALA A 233 6.48 -10.22 -1.16
N LYS A 234 5.67 -10.94 -1.92
CA LYS A 234 5.29 -12.31 -1.56
C LYS A 234 6.49 -13.24 -1.62
N ARG A 235 7.40 -12.97 -2.55
CA ARG A 235 8.58 -13.79 -2.77
C ARG A 235 9.60 -13.63 -1.63
N GLN A 236 9.48 -12.54 -0.88
CA GLN A 236 10.38 -12.28 0.24
C GLN A 236 10.05 -13.14 1.46
N LEU A 237 8.82 -13.64 1.51
CA LEU A 237 8.38 -14.46 2.62
C LEU A 237 9.18 -15.75 2.72
N ASN A 238 9.81 -15.95 3.87
CA ASN A 238 10.57 -17.17 4.13
C ASN A 238 10.54 -17.51 5.62
N ILE A 239 11.37 -18.47 6.03
CA ILE A 239 11.35 -18.93 7.41
C ILE A 239 11.82 -17.84 8.37
N PHE A 240 12.67 -16.94 7.89
CA PHE A 240 13.14 -15.82 8.70
C PHE A 240 12.00 -14.86 9.01
N GLU A 241 11.24 -14.51 7.98
CA GLU A 241 10.10 -13.63 8.13
C GLU A 241 9.00 -14.31 8.95
N MET A 242 8.84 -15.62 8.72
CA MET A 242 7.85 -16.42 9.45
C MET A 242 8.08 -16.34 10.96
N LEU A 243 9.32 -16.61 11.38
CA LEU A 243 9.66 -16.59 12.80
C LEU A 243 9.75 -15.16 13.34
N ARG A 244 10.05 -14.22 12.45
CA ARG A 244 10.09 -12.82 12.82
C ARG A 244 8.68 -12.32 13.15
N ILE A 245 7.69 -12.87 12.44
CA ILE A 245 6.29 -12.56 12.67
C ILE A 245 5.75 -13.32 13.89
N ASP A 246 6.12 -14.60 14.00
CA ASP A 246 5.59 -15.47 15.04
C ASP A 246 6.27 -15.29 16.39
N GLU A 247 7.59 -15.14 16.40
CA GLU A 247 8.35 -15.03 17.64
C GLU A 247 8.70 -13.58 17.98
N GLY A 248 9.00 -12.80 16.95
CA GLY A 248 9.36 -11.41 17.15
C GLY A 248 10.86 -11.22 17.25
N LEU A 249 11.36 -10.15 16.66
CA LEU A 249 12.78 -9.86 16.66
C LEU A 249 13.10 -8.77 17.68
N ARG A 250 13.96 -9.08 18.63
CA ARG A 250 14.35 -8.12 19.66
C ARG A 250 15.84 -7.79 19.56
N LEU A 251 16.14 -6.51 19.46
CA LEU A 251 17.50 -6.04 19.23
C LEU A 251 18.31 -5.93 20.52
N LYS A 252 17.62 -5.83 21.64
CA LYS A 252 18.27 -5.73 22.94
C LYS A 252 18.02 -6.98 23.79
N ILE A 253 18.98 -7.29 24.66
CA ILE A 253 18.88 -8.44 25.55
C ILE A 253 17.65 -8.37 26.43
N TYR A 254 16.95 -9.50 26.54
CA TYR A 254 15.76 -9.59 27.39
C TYR A 254 15.69 -10.94 28.08
N LYS A 255 14.90 -11.01 29.14
CA LYS A 255 14.63 -12.28 29.82
C LYS A 255 13.42 -12.96 29.20
N ASP A 256 13.56 -14.24 28.86
CA ASP A 256 12.43 -14.96 28.27
C ASP A 256 11.42 -15.35 29.35
N THR A 257 10.51 -16.25 29.01
CA THR A 257 9.48 -16.69 29.95
C THR A 257 10.08 -17.42 31.14
N GLU A 258 11.19 -18.12 30.91
CA GLU A 258 11.85 -18.88 31.96
C GLU A 258 12.86 -18.03 32.72
N GLY A 259 12.96 -16.75 32.37
CA GLY A 259 13.84 -15.82 33.05
C GLY A 259 15.26 -15.81 32.49
N TYR A 260 15.47 -16.54 31.41
CA TYR A 260 16.79 -16.65 30.80
C TYR A 260 17.08 -15.50 29.85
N TYR A 261 18.35 -15.08 29.80
CA TYR A 261 18.75 -14.00 28.91
C TYR A 261 18.71 -14.44 27.45
N THR A 262 17.99 -13.67 26.64
CA THR A 262 17.70 -14.04 25.26
C THR A 262 17.79 -12.80 24.37
N ILE A 263 18.09 -13.00 23.08
CA ILE A 263 18.17 -11.89 22.13
C ILE A 263 17.77 -12.35 20.73
N GLY A 264 17.30 -11.40 19.91
CA GLY A 264 16.91 -11.71 18.55
C GLY A 264 15.61 -12.50 18.49
N ILE A 265 15.55 -13.45 17.56
CA ILE A 265 14.38 -14.31 17.43
C ILE A 265 14.50 -15.48 18.40
N GLY A 266 14.31 -15.20 19.68
CA GLY A 266 14.36 -16.20 20.72
C GLY A 266 15.67 -16.97 20.84
N HIS A 267 16.78 -16.30 20.57
CA HIS A 267 18.09 -16.96 20.69
C HIS A 267 18.60 -16.92 22.12
N LEU A 268 18.72 -18.08 22.73
CA LEU A 268 19.20 -18.19 24.11
C LEU A 268 20.70 -17.94 24.20
N LEU A 269 21.09 -17.05 25.10
CA LEU A 269 22.50 -16.73 25.31
C LEU A 269 23.11 -17.62 26.39
N THR A 270 22.45 -17.67 27.54
CA THR A 270 22.90 -18.48 28.66
C THR A 270 21.77 -18.68 29.68
N LYS A 271 21.91 -19.70 30.52
CA LYS A 271 20.94 -19.93 31.58
C LYS A 271 21.40 -19.28 32.89
N SER A 272 22.54 -18.62 32.83
CA SER A 272 23.10 -17.91 33.98
C SER A 272 22.29 -16.68 34.34
N PRO A 273 22.23 -16.33 35.63
CA PRO A 273 21.55 -15.10 36.07
C PRO A 273 22.40 -13.85 35.85
N SER A 274 23.68 -14.05 35.54
CA SER A 274 24.58 -12.93 35.29
C SER A 274 24.35 -12.32 33.92
N LEU A 275 24.06 -11.02 33.89
CA LEU A 275 23.85 -10.31 32.64
C LEU A 275 25.16 -10.21 31.85
N ASN A 276 26.24 -9.96 32.56
CA ASN A 276 27.57 -9.88 31.94
C ASN A 276 28.00 -11.20 31.32
N ALA A 277 27.44 -12.30 31.82
CA ALA A 277 27.71 -13.62 31.25
C ALA A 277 26.99 -13.76 29.91
N ALA A 278 25.80 -13.18 29.81
CA ALA A 278 25.03 -13.18 28.57
C ALA A 278 25.72 -12.31 27.53
N LYS A 279 26.15 -11.12 27.95
CA LYS A 279 26.88 -10.19 27.10
C LYS A 279 28.16 -10.82 26.56
N SER A 280 28.82 -11.61 27.39
CA SER A 280 30.04 -12.30 26.99
C SER A 280 29.76 -13.33 25.89
N GLU A 281 28.67 -14.08 26.06
CA GLU A 281 28.26 -15.06 25.06
C GLU A 281 27.79 -14.38 23.78
N LEU A 282 27.11 -13.25 23.94
CA LEU A 282 26.62 -12.48 22.80
C LEU A 282 27.77 -11.97 21.94
N ASP A 283 28.75 -11.36 22.59
CA ASP A 283 29.94 -10.86 21.90
C ASP A 283 30.68 -11.98 21.19
N LYS A 284 30.77 -13.13 21.86
CA LYS A 284 31.46 -14.30 21.31
C LYS A 284 30.70 -14.86 20.11
N ALA A 285 29.37 -14.72 20.13
CA ALA A 285 28.53 -15.19 19.04
C ALA A 285 28.51 -14.22 17.86
N ILE A 286 28.32 -12.94 18.17
CA ILE A 286 28.23 -11.91 17.14
C ILE A 286 29.60 -11.56 16.56
N GLY A 287 30.58 -11.36 17.43
CA GLY A 287 31.95 -11.10 16.99
C GLY A 287 32.43 -9.69 17.25
N ARG A 288 31.82 -9.02 18.23
CA ARG A 288 32.22 -7.67 18.61
C ARG A 288 31.62 -7.28 19.96
N ASN A 289 32.07 -6.17 20.51
CA ASN A 289 31.50 -5.62 21.73
C ASN A 289 30.12 -5.03 21.43
N THR A 290 29.08 -5.74 21.84
CA THR A 290 27.70 -5.36 21.53
C THR A 290 27.06 -4.53 22.64
N ASN A 291 27.45 -4.80 23.88
CA ASN A 291 26.87 -4.17 25.06
C ASN A 291 25.37 -4.42 25.14
N GLY A 292 24.93 -5.56 24.60
CA GLY A 292 23.54 -5.97 24.70
C GLY A 292 22.69 -5.67 23.47
N VAL A 293 23.20 -4.83 22.58
CA VAL A 293 22.42 -4.40 21.42
C VAL A 293 23.01 -4.92 20.11
N ILE A 294 22.16 -5.52 19.27
CA ILE A 294 22.58 -6.00 17.95
C ILE A 294 21.67 -5.45 16.87
N THR A 295 22.13 -5.50 15.62
CA THR A 295 21.35 -5.05 14.48
C THR A 295 20.36 -6.13 14.05
N LYS A 296 19.40 -5.76 13.20
CA LYS A 296 18.43 -6.71 12.67
C LYS A 296 19.13 -7.78 11.84
N ASP A 297 20.09 -7.35 11.03
CA ASP A 297 20.83 -8.26 10.16
C ASP A 297 21.67 -9.26 10.96
N GLU A 298 22.18 -8.82 12.12
CA GLU A 298 22.94 -9.70 12.98
C GLU A 298 22.04 -10.73 13.66
N ALA A 299 20.81 -10.33 13.96
CA ALA A 299 19.83 -11.24 14.52
C ALA A 299 19.47 -12.30 13.49
N GLU A 300 19.45 -11.89 12.23
CA GLU A 300 19.21 -12.82 11.12
C GLU A 300 20.36 -13.81 11.00
N LYS A 301 21.58 -13.35 11.27
CA LYS A 301 22.76 -14.21 11.26
C LYS A 301 22.65 -15.31 12.31
N LEU A 302 22.31 -14.91 13.53
CA LEU A 302 22.12 -15.86 14.62
C LEU A 302 20.99 -16.83 14.33
N PHE A 303 19.94 -16.31 13.69
CA PHE A 303 18.76 -17.10 13.38
C PHE A 303 19.05 -18.21 12.37
N ASN A 304 19.85 -17.90 11.35
CA ASN A 304 20.23 -18.89 10.35
C ASN A 304 21.04 -20.02 10.99
N GLN A 305 21.79 -19.70 12.03
CA GLN A 305 22.55 -20.70 12.76
C GLN A 305 21.63 -21.57 13.62
N ASP A 306 20.65 -20.93 14.25
CA ASP A 306 19.67 -21.66 15.07
C ASP A 306 18.84 -22.60 14.21
N VAL A 307 18.48 -22.14 13.02
CA VAL A 307 17.75 -22.97 12.06
C VAL A 307 18.58 -24.18 11.66
N ASP A 308 19.85 -23.94 11.37
CA ASP A 308 20.78 -25.01 11.04
C ASP A 308 20.86 -26.04 12.17
N ALA A 309 20.90 -25.54 13.40
CA ALA A 309 20.95 -26.40 14.58
C ALA A 309 19.66 -27.21 14.73
N ALA A 310 18.53 -26.54 14.49
CA ALA A 310 17.22 -27.18 14.63
C ALA A 310 17.05 -28.32 13.64
N VAL A 311 17.47 -28.09 12.39
CA VAL A 311 17.37 -29.11 11.34
C VAL A 311 18.22 -30.33 11.67
N ARG A 312 19.45 -30.10 12.14
CA ARG A 312 20.35 -31.19 12.51
C ARG A 312 19.76 -32.03 13.63
N GLY A 313 19.13 -31.35 14.59
CA GLY A 313 18.50 -32.03 15.71
C GLY A 313 17.28 -32.84 15.27
N ILE A 314 16.51 -32.26 14.36
CA ILE A 314 15.36 -32.94 13.76
C ILE A 314 15.80 -34.24 13.09
N LEU A 315 16.87 -34.16 12.30
CA LEU A 315 17.37 -35.31 11.57
C LEU A 315 17.99 -36.36 12.49
N ARG A 316 18.33 -35.96 13.71
CA ARG A 316 18.84 -36.89 14.71
C ARG A 316 17.70 -37.54 15.48
N ASN A 317 16.55 -36.91 15.48
CA ASN A 317 15.38 -37.42 16.19
C ASN A 317 14.64 -38.47 15.36
N ALA A 318 14.53 -39.68 15.91
CA ALA A 318 13.95 -40.81 15.20
C ALA A 318 12.47 -40.61 14.84
N LYS A 319 11.79 -39.75 15.60
CA LYS A 319 10.37 -39.53 15.41
C LYS A 319 10.08 -38.36 14.46
N LEU A 320 11.03 -37.43 14.36
CA LEU A 320 10.84 -36.25 13.52
C LEU A 320 11.47 -36.39 12.15
N LYS A 321 12.52 -37.20 12.05
CA LYS A 321 13.24 -37.39 10.79
C LYS A 321 12.38 -37.90 9.64
N PRO A 322 11.55 -38.95 9.86
CA PRO A 322 10.73 -39.40 8.72
C PRO A 322 9.72 -38.36 8.27
N VAL A 323 9.18 -37.61 9.22
CA VAL A 323 8.21 -36.57 8.92
C VAL A 323 8.86 -35.45 8.11
N TYR A 324 9.98 -34.95 8.63
CA TYR A 324 10.72 -33.87 7.99
C TYR A 324 11.20 -34.27 6.59
N ASP A 325 11.67 -35.51 6.45
CA ASP A 325 12.14 -36.02 5.17
C ASP A 325 11.05 -35.98 4.11
N SER A 326 9.80 -36.20 4.51
CA SER A 326 8.69 -36.30 3.57
C SER A 326 8.12 -34.93 3.20
N LEU A 327 8.32 -33.94 4.05
CA LEU A 327 7.69 -32.63 3.86
C LEU A 327 8.40 -31.76 2.82
N ASP A 328 7.63 -30.90 2.17
CA ASP A 328 8.17 -29.91 1.25
C ASP A 328 8.86 -28.79 2.03
N ALA A 329 9.51 -27.88 1.30
CA ALA A 329 10.31 -26.83 1.92
C ALA A 329 9.50 -25.91 2.84
N VAL A 330 8.32 -25.51 2.40
CA VAL A 330 7.46 -24.63 3.17
C VAL A 330 6.99 -25.27 4.47
N ARG A 331 6.57 -26.52 4.40
CA ARG A 331 6.08 -27.23 5.58
C ARG A 331 7.22 -27.65 6.51
N ARG A 332 8.43 -27.77 5.95
CA ARG A 332 9.61 -27.98 6.78
C ARG A 332 9.84 -26.76 7.66
N ALA A 333 9.63 -25.58 7.09
CA ALA A 333 9.75 -24.33 7.83
C ALA A 333 8.71 -24.28 8.95
N ALA A 334 7.55 -24.86 8.68
CA ALA A 334 6.49 -24.92 9.68
C ALA A 334 6.88 -25.82 10.84
N LEU A 335 7.52 -26.94 10.53
CA LEU A 335 7.97 -27.89 11.55
C LEU A 335 9.09 -27.28 12.40
N ILE A 336 10.01 -26.58 11.72
CA ILE A 336 11.10 -25.89 12.41
C ILE A 336 10.54 -24.81 13.33
N ASN A 337 9.52 -24.11 12.85
CA ASN A 337 8.82 -23.10 13.64
C ASN A 337 8.34 -23.68 14.96
N MET A 338 7.75 -24.87 14.91
CA MET A 338 7.26 -25.55 16.10
C MET A 338 8.42 -25.97 17.01
N VAL A 339 9.48 -26.48 16.41
CA VAL A 339 10.67 -26.90 17.15
C VAL A 339 11.30 -25.70 17.87
N PHE A 340 11.32 -24.55 17.19
CA PHE A 340 11.77 -23.31 17.80
C PHE A 340 11.00 -23.04 19.09
N GLN A 341 9.68 -23.22 19.04
CA GLN A 341 8.81 -22.85 20.15
C GLN A 341 8.76 -23.86 21.29
N MET A 342 8.77 -25.16 20.96
CA MET A 342 8.55 -26.20 21.96
C MET A 342 9.76 -27.12 22.16
N GLY A 343 10.73 -27.06 21.25
CA GLY A 343 11.83 -28.00 21.28
C GLY A 343 11.42 -29.30 20.60
N GLU A 344 12.39 -30.16 20.35
CA GLU A 344 12.13 -31.41 19.63
C GLU A 344 11.18 -32.34 20.39
N THR A 345 11.37 -32.43 21.70
CA THR A 345 10.56 -33.32 22.54
C THR A 345 9.09 -32.94 22.50
N GLY A 346 8.81 -31.66 22.67
CA GLY A 346 7.45 -31.15 22.63
C GLY A 346 6.77 -31.44 21.29
N VAL A 347 7.54 -31.35 20.22
CA VAL A 347 7.04 -31.60 18.88
C VAL A 347 6.89 -33.09 18.61
N ALA A 348 7.83 -33.88 19.13
CA ALA A 348 7.83 -35.34 18.95
C ALA A 348 6.62 -35.97 19.64
N GLY A 349 6.02 -35.23 20.57
CA GLY A 349 4.85 -35.71 21.29
C GLY A 349 3.58 -35.69 20.48
N PHE A 350 3.59 -35.00 19.34
CA PHE A 350 2.43 -34.96 18.45
C PHE A 350 2.41 -36.20 17.56
N THR A 351 2.39 -37.38 18.18
CA THR A 351 2.54 -38.65 17.46
C THR A 351 1.54 -38.84 16.33
N ASN A 352 0.26 -38.56 16.60
CA ASN A 352 -0.78 -38.72 15.58
C ASN A 352 -0.64 -37.69 14.46
N SER A 353 -0.42 -36.44 14.83
CA SER A 353 -0.28 -35.36 13.85
C SER A 353 0.92 -35.58 12.94
N LEU A 354 2.04 -36.01 13.51
CA LEU A 354 3.24 -36.29 12.74
C LEU A 354 2.99 -37.41 11.72
N ARG A 355 2.20 -38.40 12.12
CA ARG A 355 1.86 -39.51 11.24
C ARG A 355 1.02 -39.06 10.06
N MET A 356 0.05 -38.19 10.34
CA MET A 356 -0.83 -37.69 9.30
C MET A 356 -0.12 -36.70 8.38
N LEU A 357 0.80 -35.93 8.94
CA LEU A 357 1.63 -35.03 8.14
C LEU A 357 2.50 -35.84 7.18
N GLN A 358 3.04 -36.95 7.68
CA GLN A 358 3.89 -37.82 6.89
C GLN A 358 3.12 -38.45 5.73
N GLN A 359 1.82 -38.63 5.93
CA GLN A 359 0.94 -39.21 4.91
C GLN A 359 0.23 -38.15 4.08
N LYS A 360 0.61 -36.89 4.28
CA LYS A 360 0.04 -35.76 3.54
C LYS A 360 -1.47 -35.64 3.76
N ARG A 361 -1.93 -36.05 4.94
CA ARG A 361 -3.31 -35.87 5.34
C ARG A 361 -3.42 -34.56 6.13
N TRP A 362 -3.38 -33.44 5.41
CA TRP A 362 -3.21 -32.12 6.02
C TRP A 362 -4.36 -31.72 6.95
N ASP A 363 -5.59 -31.81 6.44
CA ASP A 363 -6.77 -31.40 7.21
C ASP A 363 -6.89 -32.17 8.53
N GLU A 364 -6.60 -33.46 8.49
CA GLU A 364 -6.69 -34.29 9.68
C GLU A 364 -5.57 -33.98 10.67
N ALA A 365 -4.40 -33.63 10.13
CA ALA A 365 -3.30 -33.17 10.95
C ALA A 365 -3.67 -31.85 11.61
N ALA A 366 -4.34 -30.99 10.85
CA ALA A 366 -4.79 -29.69 11.34
C ALA A 366 -5.80 -29.85 12.48
N VAL A 367 -6.69 -30.83 12.34
CA VAL A 367 -7.71 -31.09 13.36
C VAL A 367 -7.06 -31.47 14.70
N ASN A 368 -6.06 -32.35 14.64
CA ASN A 368 -5.37 -32.79 15.85
C ASN A 368 -4.48 -31.71 16.45
N LEU A 369 -3.75 -30.99 15.60
CA LEU A 369 -2.87 -29.92 16.05
C LEU A 369 -3.65 -28.80 16.74
N ALA A 370 -4.88 -28.57 16.30
CA ALA A 370 -5.73 -27.54 16.89
C ALA A 370 -6.22 -27.92 18.29
N LYS A 371 -6.08 -29.20 18.64
CA LYS A 371 -6.53 -29.70 19.94
C LYS A 371 -5.39 -29.80 20.96
N SER A 372 -4.40 -28.92 20.84
CA SER A 372 -3.23 -28.99 21.70
C SER A 372 -3.15 -27.84 22.70
N ARG A 373 -2.30 -28.02 23.71
CA ARG A 373 -1.98 -26.97 24.66
C ARG A 373 -1.28 -25.83 23.93
N TRP A 374 -0.56 -26.19 22.87
CA TRP A 374 0.11 -25.23 22.01
C TRP A 374 -0.87 -24.24 21.39
N TYR A 375 -1.93 -24.77 20.82
CA TYR A 375 -2.96 -23.93 20.22
C TYR A 375 -3.76 -23.18 21.28
N ASN A 376 -3.83 -23.74 22.47
CA ASN A 376 -4.55 -23.13 23.57
C ASN A 376 -3.81 -21.92 24.16
N GLN A 377 -2.48 -21.94 24.06
CA GLN A 377 -1.65 -20.91 24.65
C GLN A 377 -1.29 -19.81 23.63
N THR A 378 -0.90 -20.22 22.43
CA THR A 378 -0.61 -19.26 21.37
C THR A 378 -1.45 -19.56 20.12
N PRO A 379 -2.76 -19.29 20.19
CA PRO A 379 -3.70 -19.61 19.09
C PRO A 379 -3.37 -18.92 17.77
N ASN A 380 -3.08 -17.62 17.81
CA ASN A 380 -2.78 -16.88 16.58
C ASN A 380 -1.59 -17.47 15.82
N ARG A 381 -0.49 -17.69 16.54
CA ARG A 381 0.70 -18.29 15.95
C ARG A 381 0.42 -19.70 15.46
N ALA A 382 -0.25 -20.49 16.30
CA ALA A 382 -0.60 -21.86 15.96
C ALA A 382 -1.51 -21.87 14.73
N LYS A 383 -2.43 -20.92 14.67
CA LYS A 383 -3.36 -20.81 13.55
C LYS A 383 -2.62 -20.64 12.23
N ARG A 384 -1.57 -19.81 12.24
CA ARG A 384 -0.79 -19.53 11.04
C ARG A 384 0.08 -20.71 10.61
N VAL A 385 0.68 -21.40 11.57
CA VAL A 385 1.54 -22.54 11.27
C VAL A 385 0.71 -23.73 10.78
N ILE A 386 -0.40 -24.00 11.46
CA ILE A 386 -1.30 -25.08 11.07
C ILE A 386 -1.87 -24.85 9.67
N THR A 387 -2.29 -23.63 9.41
CA THR A 387 -2.78 -23.24 8.08
C THR A 387 -1.70 -23.43 7.03
N THR A 388 -0.46 -23.18 7.42
CA THR A 388 0.68 -23.38 6.53
C THR A 388 0.89 -24.87 6.24
N PHE A 389 0.64 -25.70 7.25
CA PHE A 389 0.64 -27.15 7.07
C PHE A 389 -0.46 -27.58 6.12
N ARG A 390 -1.56 -26.83 6.12
CA ARG A 390 -2.72 -27.16 5.29
C ARG A 390 -2.50 -26.83 3.81
N THR A 391 -1.95 -25.66 3.55
CA THR A 391 -1.84 -25.16 2.17
C THR A 391 -0.47 -25.41 1.55
N GLY A 392 0.58 -25.34 2.37
CA GLY A 392 1.93 -25.49 1.87
C GLY A 392 2.39 -24.22 1.16
N THR A 393 1.79 -23.10 1.54
CA THR A 393 2.17 -21.79 1.01
C THR A 393 2.40 -20.82 2.17
N TRP A 394 2.87 -19.61 1.83
CA TRP A 394 3.12 -18.59 2.84
C TRP A 394 1.93 -17.65 3.03
N ASP A 395 0.78 -18.03 2.47
CA ASP A 395 -0.40 -17.17 2.46
C ASP A 395 -0.85 -16.70 3.85
N ALA A 396 -0.54 -17.49 4.89
CA ALA A 396 -0.91 -17.11 6.25
C ALA A 396 -0.03 -15.99 6.78
N TYR A 397 1.05 -15.71 6.07
CA TYR A 397 2.00 -14.68 6.48
C TYR A 397 2.01 -13.50 5.51
N LYS A 398 0.93 -13.37 4.74
CA LYS A 398 0.72 -12.22 3.87
C LYS A 398 0.35 -11.01 4.69
N PHE A 399 0.97 -9.87 4.38
CA PHE A 399 0.62 -8.59 4.98
C PHE A 399 0.66 -8.63 6.51
N CYS A 400 1.66 -9.29 7.05
CA CYS A 400 1.88 -9.27 8.51
C CYS A 400 2.97 -8.24 8.81
N LEU A 401 4.01 -8.24 8.00
CA LEU A 401 5.09 -7.28 8.13
C LEU A 401 4.57 -5.86 7.92
N LYS A 402 5.10 -4.92 8.69
CA LYS A 402 4.74 -3.50 8.59
C LYS A 402 5.00 -2.96 7.18
N GLU A 403 6.06 -3.45 6.55
CA GLU A 403 6.44 -3.00 5.22
C GLU A 403 5.48 -3.53 4.16
N HIS A 404 4.99 -4.75 4.37
CA HIS A 404 4.03 -5.35 3.44
C HIS A 404 2.64 -4.74 3.63
N LYS A 405 2.32 -4.37 4.87
CA LYS A 405 1.08 -3.65 5.15
C LYS A 405 1.10 -2.30 4.44
N ALA A 406 2.27 -1.65 4.45
CA ALA A 406 2.43 -0.36 3.80
C ALA A 406 2.23 -0.46 2.29
N LEU A 407 2.71 -1.57 1.71
CA LEU A 407 2.53 -1.82 0.29
C LEU A 407 1.06 -1.99 -0.07
N LYS A 408 0.30 -2.60 0.84
CA LYS A 408 -1.13 -2.79 0.64
C LYS A 408 -1.86 -1.45 0.65
N THR A 409 -1.43 -0.56 1.54
CA THR A 409 -1.98 0.79 1.63
C THR A 409 -1.84 1.53 0.31
N LEU A 410 -0.63 1.50 -0.25
CA LEU A 410 -0.37 2.12 -1.55
C LEU A 410 -1.22 1.47 -2.65
N GLY A 411 -1.34 0.15 -2.59
CA GLY A 411 -2.14 -0.59 -3.54
C GLY A 411 -3.61 -0.22 -3.46
N ILE A 412 -4.07 0.13 -2.26
CA ILE A 412 -5.45 0.55 -2.06
C ILE A 412 -5.66 1.96 -2.63
N ILE A 413 -4.65 2.82 -2.46
CA ILE A 413 -4.68 4.16 -3.05
C ILE A 413 -4.82 4.08 -4.56
N MET A 414 -4.01 3.20 -5.18
CA MET A 414 -4.00 3.04 -6.63
C MET A 414 -5.29 2.42 -7.14
N GLY A 415 -5.75 1.36 -6.47
CA GLY A 415 -6.98 0.68 -6.86
C GLY A 415 -8.20 1.56 -6.75
N THR A 416 -8.25 2.37 -5.69
CA THR A 416 -9.36 3.29 -5.45
C THR A 416 -9.44 4.34 -6.55
N PHE A 417 -8.29 4.92 -6.89
CA PHE A 417 -8.20 5.90 -7.96
C PHE A 417 -8.67 5.30 -9.27
N THR A 418 -8.22 4.07 -9.55
CA THR A 418 -8.60 3.37 -10.76
C THR A 418 -10.10 3.17 -10.84
N LEU A 419 -10.68 2.59 -9.80
CA LEU A 419 -12.11 2.29 -9.77
C LEU A 419 -12.98 3.54 -9.85
N CYS A 420 -12.46 4.67 -9.36
CA CYS A 420 -13.25 5.92 -9.34
C CYS A 420 -13.22 6.63 -10.68
N TRP A 421 -12.14 6.46 -11.43
CA TRP A 421 -11.97 7.19 -12.67
C TRP A 421 -12.18 6.34 -13.92
N LEU A 422 -11.96 5.03 -13.81
CA LEU A 422 -12.08 4.14 -14.96
C LEU A 422 -13.43 4.22 -15.68
N PRO A 423 -14.56 4.19 -14.93
CA PRO A 423 -15.85 4.30 -15.64
C PRO A 423 -15.96 5.58 -16.47
N PHE A 424 -15.52 6.69 -15.91
CA PHE A 424 -15.55 7.97 -16.61
C PHE A 424 -14.76 7.94 -17.91
N PHE A 425 -13.55 7.37 -17.86
CA PHE A 425 -12.65 7.36 -19.01
C PHE A 425 -13.02 6.28 -20.03
N ILE A 426 -13.75 5.26 -19.59
CA ILE A 426 -14.29 4.27 -20.52
C ILE A 426 -15.36 4.92 -21.40
N VAL A 427 -16.19 5.75 -20.78
CA VAL A 427 -17.28 6.44 -21.48
C VAL A 427 -16.74 7.46 -22.49
N ASN A 428 -15.58 8.05 -22.19
CA ASN A 428 -14.90 8.92 -23.14
C ASN A 428 -14.65 8.22 -24.47
N ILE A 429 -14.13 7.00 -24.38
CA ILE A 429 -13.83 6.20 -25.57
C ILE A 429 -15.10 5.68 -26.23
N VAL A 430 -16.04 5.21 -25.42
CA VAL A 430 -17.32 4.70 -25.91
C VAL A 430 -18.04 5.74 -26.77
N HIS A 431 -17.94 7.01 -26.36
CA HIS A 431 -18.58 8.10 -27.09
C HIS A 431 -17.82 8.50 -28.34
N VAL A 432 -16.57 8.04 -28.46
CA VAL A 432 -15.82 8.21 -29.70
C VAL A 432 -16.28 7.17 -30.70
N ILE A 433 -16.59 5.98 -30.19
CA ILE A 433 -17.17 4.93 -31.01
C ILE A 433 -18.58 5.31 -31.44
N GLN A 434 -19.45 5.50 -30.44
CA GLN A 434 -20.82 5.94 -30.68
C GLN A 434 -21.24 6.97 -29.63
N ASP A 435 -21.40 8.22 -30.05
CA ASP A 435 -21.70 9.30 -29.12
C ASP A 435 -23.16 9.25 -28.65
N ASN A 436 -23.40 9.86 -27.49
CA ASN A 436 -24.74 9.96 -26.89
C ASN A 436 -25.38 8.62 -26.52
N LEU A 437 -24.57 7.57 -26.41
CA LEU A 437 -25.07 6.26 -26.01
C LEU A 437 -25.42 6.26 -24.52
N ILE A 438 -24.72 7.10 -23.77
CA ILE A 438 -24.92 7.21 -22.33
C ILE A 438 -25.35 8.64 -21.98
N ARG A 439 -26.40 8.75 -21.15
CA ARG A 439 -26.96 10.04 -20.78
C ARG A 439 -25.94 11.02 -20.23
N LYS A 440 -26.21 12.31 -20.40
CA LYS A 440 -25.33 13.35 -19.89
C LYS A 440 -25.25 13.29 -18.37
N GLU A 441 -26.37 13.00 -17.73
CA GLU A 441 -26.46 12.94 -16.28
C GLU A 441 -25.62 11.79 -15.70
N VAL A 442 -25.56 10.68 -16.42
CA VAL A 442 -24.73 9.55 -16.00
C VAL A 442 -23.26 9.91 -16.14
N TYR A 443 -22.91 10.52 -17.26
CA TYR A 443 -21.54 10.96 -17.52
C TYR A 443 -21.07 11.96 -16.46
N ILE A 444 -21.96 12.85 -16.07
CA ILE A 444 -21.66 13.84 -15.03
C ILE A 444 -21.46 13.14 -13.69
N LEU A 445 -22.31 12.16 -13.39
CA LEU A 445 -22.20 11.41 -12.14
C LEU A 445 -20.88 10.64 -12.07
N LEU A 446 -20.49 10.05 -13.20
CA LEU A 446 -19.22 9.32 -13.27
C LEU A 446 -18.04 10.26 -13.05
N ASN A 447 -18.19 11.50 -13.47
CA ASN A 447 -17.19 12.53 -13.22
C ASN A 447 -17.06 12.79 -11.73
N TRP A 448 -18.19 12.89 -11.04
CA TRP A 448 -18.19 13.25 -9.63
C TRP A 448 -17.73 12.10 -8.74
N ILE A 449 -17.83 10.87 -9.24
CA ILE A 449 -17.21 9.74 -8.56
C ILE A 449 -15.70 9.91 -8.63
N GLY A 450 -15.24 10.49 -9.73
CA GLY A 450 -13.83 10.83 -9.91
C GLY A 450 -13.41 11.97 -8.99
N TYR A 451 -14.20 13.04 -8.99
CA TYR A 451 -13.96 14.19 -8.12
C TYR A 451 -13.83 13.76 -6.65
N VAL A 452 -14.82 12.99 -6.20
CA VAL A 452 -14.94 12.56 -4.81
C VAL A 452 -13.73 11.77 -4.34
N ASN A 453 -13.09 11.03 -5.25
CA ASN A 453 -11.89 10.26 -4.93
C ASN A 453 -10.79 11.10 -4.27
N SER A 454 -10.81 12.40 -4.53
CA SER A 454 -9.83 13.32 -3.95
C SER A 454 -9.92 13.42 -2.43
N GLY A 455 -10.96 12.83 -1.85
CA GLY A 455 -11.15 12.88 -0.41
C GLY A 455 -10.95 11.54 0.30
N PHE A 456 -10.57 10.52 -0.46
CA PHE A 456 -10.44 9.17 0.11
C PHE A 456 -9.05 8.87 0.66
N ASN A 457 -8.02 9.29 -0.07
CA ASN A 457 -6.63 9.01 0.32
C ASN A 457 -6.27 9.37 1.77
N PRO A 458 -6.72 10.54 2.28
CA PRO A 458 -6.44 10.82 3.69
C PRO A 458 -7.02 9.77 4.65
N LEU A 459 -8.19 9.24 4.31
CA LEU A 459 -8.81 8.20 5.13
C LEU A 459 -8.06 6.88 5.01
N ILE A 460 -7.53 6.60 3.82
CA ILE A 460 -6.80 5.38 3.57
C ILE A 460 -5.45 5.38 4.30
N TYR A 461 -4.89 6.56 4.49
CA TYR A 461 -3.60 6.70 5.19
C TYR A 461 -3.73 6.39 6.68
N CYS A 462 -4.95 6.29 7.17
CA CYS A 462 -5.19 5.96 8.60
C CYS A 462 -4.85 4.51 8.87
N ARG A 463 -4.62 3.75 7.80
CA ARG A 463 -4.14 2.39 7.91
C ARG A 463 -2.74 2.36 8.50
N SER A 464 -1.96 3.39 8.20
CA SER A 464 -0.61 3.53 8.73
C SER A 464 -0.63 3.98 10.18
N PRO A 465 0.16 3.32 11.05
CA PRO A 465 0.27 3.72 12.45
C PRO A 465 0.94 5.08 12.58
N ASP A 466 1.83 5.40 11.66
CA ASP A 466 2.56 6.67 11.69
C ASP A 466 1.66 7.87 11.38
N PHE A 467 0.88 7.78 10.31
CA PHE A 467 -0.05 8.84 9.96
C PHE A 467 -1.14 8.99 11.02
N ARG A 468 -1.60 7.86 11.54
CA ARG A 468 -2.62 7.84 12.57
C ARG A 468 -2.13 8.57 13.82
N ILE A 469 -0.88 8.31 14.19
CA ILE A 469 -0.24 9.03 15.29
C ILE A 469 -0.04 10.50 14.94
N ALA A 470 0.37 10.76 13.71
CA ALA A 470 0.58 12.11 13.23
C ALA A 470 -0.70 12.92 13.27
N PHE A 471 -1.79 12.34 12.77
CA PHE A 471 -3.08 13.01 12.69
C PHE A 471 -3.60 13.42 14.08
N GLN A 472 -3.65 12.46 14.99
CA GLN A 472 -4.23 12.70 16.32
C GLN A 472 -3.39 13.68 17.15
N GLU A 473 -2.12 13.87 16.77
CA GLU A 473 -1.32 14.92 17.38
C GLU A 473 -1.81 16.26 16.85
N LEU A 474 -1.92 16.35 15.53
CA LEU A 474 -2.37 17.56 14.86
C LEU A 474 -3.79 17.95 15.23
N LEU A 475 -4.60 16.96 15.61
CA LEU A 475 -5.98 17.20 15.95
C LEU A 475 -6.21 17.26 17.46
N CYS A 476 -5.12 17.56 18.18
CA CYS A 476 -5.21 17.94 19.62
C CYS A 476 -5.66 16.79 20.49
N LEU A 477 -5.19 15.58 20.19
CA LEU A 477 -5.60 14.36 20.90
C LEU A 477 -4.44 13.68 21.64
C2 BGC B . 11.07 -20.08 23.73
C3 BGC B . 12.50 -20.18 23.20
C4 BGC B . 12.60 -20.35 21.66
C5 BGC B . 11.62 -19.33 21.01
C6 BGC B . 11.53 -19.37 19.47
C1 BGC B . 10.14 -19.23 22.87
O1 BGC B . 8.78 -19.49 23.25
O2 BGC B . 11.14 -19.52 25.05
O3 BGC B . 13.00 -21.32 23.93
O4 BGC B . 13.96 -20.28 21.12
O5 BGC B . 10.29 -19.57 21.50
O6 BGC B . 10.20 -19.12 18.97
C1 GLC B . 14.94 -21.22 21.71
C2 GLC B . 16.42 -21.29 21.29
C3 GLC B . 16.62 -21.33 19.80
C4 GLC B . 16.34 -22.80 19.56
C5 GLC B . 14.90 -23.11 20.08
C6 GLC B . 14.67 -24.64 20.04
O2 GLC B . 17.34 -20.35 22.01
O3 GLC B . 17.95 -20.96 19.44
O4 GLC B . 16.46 -23.16 18.17
O5 GLC B . 14.57 -22.58 21.41
O6 GLC B . 13.85 -25.14 21.11
S SO4 C . 11.57 5.44 1.26
O1 SO4 C . 12.66 6.27 1.77
O2 SO4 C . 11.89 4.98 -0.08
O3 SO4 C . 10.34 6.22 1.22
O4 SO4 C . 11.37 4.30 2.14
S SO4 D . -3.63 -5.37 6.48
O1 SO4 D . -3.57 -5.55 7.94
O2 SO4 D . -2.52 -4.53 6.06
O3 SO4 D . -4.89 -4.74 6.12
O4 SO4 D . -3.52 -6.68 5.84
S SO4 E . -1.55 -35.81 18.55
O1 SO4 E . -1.26 -34.89 17.46
O2 SO4 E . -1.42 -35.10 19.82
O3 SO4 E . -2.90 -36.33 18.41
O4 SO4 E . -0.59 -36.92 18.52
S SO4 F . -0.62 -15.52 20.13
O1 SO4 F . 0.27 -16.22 19.21
O2 SO4 F . -0.71 -14.12 19.74
O3 SO4 F . -1.95 -16.12 20.06
O4 SO4 F . -0.10 -15.62 21.48
S SO4 G . -0.42 -29.47 -1.34
O1 SO4 G . 0.52 -28.35 -1.26
O2 SO4 G . -0.92 -29.57 -2.71
O3 SO4 G . -1.53 -29.24 -0.43
O4 SO4 G . 0.26 -30.71 -0.99
S SO4 H . 13.52 -3.76 21.03
O1 SO4 H . 14.01 -4.15 19.72
O2 SO4 H . 13.68 -2.33 21.21
O3 SO4 H . 12.10 -4.11 21.14
O4 SO4 H . 14.27 -4.47 22.07
O17 CAU I . -12.74 15.73 -14.30
C16 CAU I . -12.67 15.43 -15.66
C18 CAU I . -13.12 16.62 -16.50
N19 CAU I . -14.18 17.35 -15.83
C20 CAU I . -14.98 18.08 -16.80
C21 CAU I . -14.12 19.13 -17.51
C22 CAU I . -16.13 18.77 -16.08
C15 CAU I . -11.24 15.07 -16.05
O14 CAU I . -11.26 14.76 -17.45
C13 CAU I . -10.02 14.43 -18.08
C12 CAU I . -8.87 14.31 -17.33
C11 CAU I . -7.67 13.97 -17.94
C10 CAU I . -7.62 13.75 -19.31
C8 CAU I . -8.79 13.86 -20.09
C9 CAU I . -9.98 14.19 -19.48
N7 CAU I . -9.04 13.70 -21.44
C3 CAU I . -10.39 13.94 -21.66
C4 CAU I . -10.97 14.24 -20.45
C2 CAU I . -11.18 13.92 -22.82
C1 CAU I . -12.54 14.19 -22.75
C6 CAU I . -13.12 14.50 -21.52
C5 CAU I . -12.34 14.52 -20.37
C1 BU1 J . 2.31 -9.52 1.29
C2 BU1 J . 2.52 -10.39 0.07
C3 BU1 J . 1.76 -9.80 -1.10
C4 BU1 J . 0.93 -10.88 -1.77
O5 BU1 J . 3.04 -10.03 2.37
O6 BU1 J . 0.20 -10.32 -2.84
C1 BU1 K . -6.04 -2.31 -8.88
C2 BU1 K . -4.74 -1.59 -9.15
C3 BU1 K . -3.80 -1.76 -7.98
C4 BU1 K . -2.49 -2.37 -8.45
O5 BU1 K . -6.90 -2.20 -9.98
O6 BU1 K . -2.57 -3.77 -8.41
C1 ACM L . -1.17 -10.77 9.92
O ACM L . -1.74 -10.15 10.81
N ACM L . -1.46 -10.64 8.70
C2 ACM L . -0.06 -11.76 10.19
C1 CLR M . 5.14 18.95 -3.83
C2 CLR M . 6.11 18.60 -2.75
C3 CLR M . 7.39 18.29 -3.23
C4 CLR M . 7.94 19.39 -4.16
C5 CLR M . 6.92 19.82 -5.25
C6 CLR M . 7.33 20.56 -6.39
C7 CLR M . 6.13 20.97 -7.48
C8 CLR M . 4.96 21.24 -6.95
C9 CLR M . 4.60 20.32 -6.00
C10 CLR M . 5.69 20.09 -4.78
C11 CLR M . 3.04 20.47 -5.48
C12 CLR M . 2.27 21.27 -6.05
C13 CLR M . 2.83 22.11 -7.01
C14 CLR M . 4.15 21.55 -7.66
C15 CLR M . 4.48 22.70 -8.82
C16 CLR M . 2.90 23.20 -9.34
C17 CLR M . 1.89 22.57 -8.35
C18 CLR M . 3.16 23.42 -6.29
C19 CLR M . 5.75 21.37 -3.96
C20 CLR M . 0.87 23.52 -8.10
C21 CLR M . -0.33 22.94 -7.34
C22 CLR M . 0.32 24.04 -9.50
C23 CLR M . -1.13 24.62 -9.38
C24 CLR M . -1.79 24.67 -10.78
C25 CLR M . -2.31 26.10 -11.09
C26 CLR M . -1.76 26.56 -12.45
C27 CLR M . -3.83 26.09 -11.15
O1 CLR M . 8.30 18.14 -2.09
C1 CLR N . -4.84 21.17 10.61
C2 CLR N . -3.87 20.63 11.63
C3 CLR N . -3.30 21.66 12.39
C4 CLR N . -4.39 22.46 13.12
C5 CLR N . -5.32 23.09 12.06
C6 CLR N . -5.80 24.41 12.16
C7 CLR N . -6.58 25.02 10.80
C8 CLR N . -7.18 24.16 10.02
C9 CLR N . -6.51 23.00 9.83
C10 CLR N . -5.86 22.24 11.16
C11 CLR N . -7.28 21.96 8.80
C12 CLR N . -8.22 22.39 8.11
C13 CLR N . -8.66 23.68 8.33
C14 CLR N . -7.61 24.58 9.08
C15 CLR N . -8.34 26.07 9.09
C16 CLR N . -9.13 26.10 7.54
C17 CLR N . -9.09 24.66 7.00
C18 CLR N . -9.91 23.58 9.20
C19 CLR N . -6.98 21.47 11.85
C20 CLR N . -10.32 24.42 6.35
C21 CLR N . -10.49 23.03 5.73
C22 CLR N . -10.35 25.46 5.13
C23 CLR N . -11.80 25.79 4.67
C24 CLR N . -11.70 26.86 3.55
C25 CLR N . -12.79 26.61 2.47
C26 CLR N . -12.97 27.87 1.63
C27 CLR N . -12.39 25.44 1.57
O1 CLR N . -2.35 21.12 13.37
C1 CLR O . 3.27 21.74 0.47
C2 CLR O . 4.38 21.30 1.38
C3 CLR O . 5.63 21.29 0.74
C4 CLR O . 5.94 22.69 0.15
C5 CLR O . 4.81 23.16 -0.78
C6 CLR O . 5.02 24.17 -1.76
C7 CLR O . 3.73 24.44 -2.78
C8 CLR O . 2.54 24.39 -2.23
C9 CLR O . 2.37 23.37 -1.35
C10 CLR O . 3.58 23.12 -0.25
C11 CLR O . 0.87 23.35 -0.66
C12 CLR O . -0.06 23.90 -1.28
C13 CLR O . 0.29 24.84 -2.23
C14 CLR O . 1.68 24.56 -2.92
C15 CLR O . 1.75 25.78 -4.05
C16 CLR O . 0.09 25.98 -4.52
C17 CLR O . -0.74 25.10 -3.56
C18 CLR O . 0.37 26.19 -1.51
C19 CLR O . 3.46 24.20 0.81
C20 CLR O . -1.96 25.74 -3.24
C21 CLR O . -3.02 24.75 -2.74
C22 CLR O . -2.52 26.40 -4.58
C23 CLR O . -3.93 27.02 -4.39
C24 CLR O . -4.81 26.67 -5.63
C25 CLR O . -4.60 27.73 -6.76
C26 CLR O . -3.59 27.23 -7.78
C27 CLR O . -5.94 27.97 -7.48
O1 CLR O . 6.67 20.92 1.70
C1 PLM P . -5.79 21.10 17.63
O2 PLM P . -4.96 21.22 16.75
C2 PLM P . -7.22 21.49 17.23
C3 PLM P . -7.52 23.02 17.36
C4 PLM P . -7.43 23.81 16.02
C5 PLM P . -8.52 24.89 15.91
C6 PLM P . -8.22 25.99 14.90
C7 PLM P . -9.41 26.91 14.65
C8 PLM P . -9.80 26.93 13.16
C9 PLM P . -10.91 27.91 12.77
CA PLM P . -11.53 27.50 11.44
CB PLM P . -12.30 28.62 10.74
CC PLM P . -11.86 28.75 9.29
CD PLM P . -13.05 28.58 8.35
CE PLM P . -12.71 29.14 6.97
CF PLM P . -13.94 29.09 6.07
CG PLM P . -13.67 29.82 4.77
C30 12P Q . 16.54 -28.14 3.48
C29 12P Q . 15.17 -28.16 2.81
O28 12P Q . 14.97 -27.03 1.97
C27 12P Q . 15.27 -25.75 2.57
C26 12P Q . 14.09 -25.31 3.45
O25 12P Q . 14.28 -25.82 4.74
C24 12P Q . 14.44 -24.85 5.80
C23 12P Q . 15.90 -24.22 5.76
O22 12P Q . 16.96 -25.21 5.77
C21 12P Q . 18.25 -24.69 6.09
C20 12P Q . 19.26 -25.82 6.15
O19 12P Q . 20.35 -25.42 6.94
C18 12P Q . 21.49 -26.27 6.83
C17 12P Q . 21.16 -27.61 7.43
O16 12P Q . 21.88 -28.61 6.72
C15 12P Q . 21.66 -29.96 7.23
#